data_1KVE
#
_entry.id   1KVE
#
_cell.length_a   81.120
_cell.length_b   81.120
_cell.length_c   118.680
_cell.angle_alpha   90.00
_cell.angle_beta   90.00
_cell.angle_gamma   90.00
#
_symmetry.space_group_name_H-M   'P 43 21 2'
#
loop_
_entity.id
_entity.type
_entity.pdbx_description
1 polymer 'SMK TOXIN'
2 polymer 'SMK TOXIN'
3 water water
#
loop_
_entity_poly.entity_id
_entity_poly.type
_entity_poly.pdbx_seq_one_letter_code
_entity_poly.pdbx_strand_id
1 'polypeptide(L)' WSLRWRMQKSTTIAAIAGCSGAATFGGLAGGIVGCIAAGILAILQGFEVNWHNGGGGDRSNPV A,C
2 'polypeptide(L)' GEATTIWGVGADEAIDKGTPSKNDLQNMSADLAKNGFKGHQGVACSTVKDGNKDVYMIKFSLAGGSNDPGGSPCSDD B,D
#
# COMPACT_ATOMS: atom_id res chain seq x y z
N TRP A 1 -22.26 0.39 -2.47
CA TRP A 1 -21.10 1.02 -1.80
C TRP A 1 -20.75 2.27 -2.59
N SER A 2 -20.34 3.32 -1.94
CA SER A 2 -20.00 4.57 -2.67
C SER A 2 -18.96 5.33 -1.85
N LEU A 3 -18.37 6.33 -2.47
CA LEU A 3 -17.39 7.19 -1.85
C LEU A 3 -17.91 8.62 -1.97
N ARG A 4 -18.24 9.21 -0.85
CA ARG A 4 -18.75 10.61 -0.88
C ARG A 4 -17.55 11.47 -0.63
N TRP A 5 -17.23 12.43 -1.47
CA TRP A 5 -16.00 13.21 -1.26
C TRP A 5 -16.21 14.68 -1.57
N ARG A 6 -15.30 15.48 -1.09
CA ARG A 6 -15.22 16.92 -1.32
C ARG A 6 -13.73 17.28 -1.34
N MET A 7 -13.36 18.28 -2.14
CA MET A 7 -11.95 18.69 -2.19
C MET A 7 -11.78 19.74 -1.07
N GLN A 8 -10.86 19.45 -0.22
CA GLN A 8 -10.58 20.37 0.92
C GLN A 8 -9.67 21.46 0.36
N LYS A 9 -8.79 21.02 -0.52
CA LYS A 9 -7.79 21.86 -1.19
C LYS A 9 -7.64 21.46 -2.65
N SER A 10 -7.92 22.41 -3.51
CA SER A 10 -7.82 22.23 -4.96
C SER A 10 -6.64 23.09 -5.45
N THR A 11 -5.94 22.54 -6.40
CA THR A 11 -4.79 23.21 -7.02
C THR A 11 -4.83 22.99 -8.53
N THR A 12 -3.90 23.70 -9.16
CA THR A 12 -3.74 23.58 -10.62
C THR A 12 -2.32 23.07 -10.87
N ILE A 13 -1.69 22.59 -9.80
CA ILE A 13 -0.34 22.01 -9.86
C ILE A 13 -0.45 20.62 -10.47
N ALA A 14 0.17 20.47 -11.63
CA ALA A 14 0.18 19.25 -12.42
C ALA A 14 1.46 18.45 -12.27
N ALA A 15 2.38 18.93 -11.45
CA ALA A 15 3.66 18.23 -11.24
C ALA A 15 3.44 16.90 -10.52
N ILE A 16 3.10 15.88 -11.26
CA ILE A 16 2.87 14.51 -10.68
C ILE A 16 3.69 13.50 -11.47
N ALA A 17 4.44 12.63 -10.88
CA ALA A 17 5.20 11.62 -11.62
C ALA A 17 4.28 10.64 -12.32
N GLY A 18 4.83 10.01 -13.40
CA GLY A 18 4.06 8.97 -14.11
C GLY A 18 4.17 7.70 -13.24
N CYS A 19 3.57 6.61 -13.67
CA CYS A 19 3.56 5.35 -12.94
C CYS A 19 3.44 4.19 -13.92
N SER A 20 3.49 2.99 -13.36
CA SER A 20 3.29 1.75 -14.10
C SER A 20 1.82 1.35 -13.79
N GLY A 21 1.17 0.77 -14.78
CA GLY A 21 -0.19 0.31 -14.67
C GLY A 21 -1.22 1.38 -14.42
N ALA A 22 -1.14 2.53 -15.06
CA ALA A 22 -2.15 3.60 -14.93
C ALA A 22 -3.49 2.95 -15.23
N ALA A 23 -4.52 3.27 -14.42
CA ALA A 23 -5.82 2.64 -14.61
C ALA A 23 -6.49 3.03 -15.94
N THR A 24 -7.13 2.02 -16.48
CA THR A 24 -7.92 2.13 -17.70
C THR A 24 -9.39 1.84 -17.44
N PHE A 25 -9.75 1.52 -16.22
CA PHE A 25 -11.18 1.24 -15.87
C PHE A 25 -11.92 2.57 -15.82
N GLY A 26 -13.23 2.51 -15.70
CA GLY A 26 -14.14 3.65 -15.63
C GLY A 26 -13.94 4.72 -16.65
N GLY A 27 -13.51 4.37 -17.86
CA GLY A 27 -13.28 5.31 -18.95
C GLY A 27 -12.05 6.18 -18.88
N LEU A 28 -11.08 5.80 -18.07
CA LEU A 28 -9.81 6.53 -17.91
C LEU A 28 -8.86 6.17 -19.07
N ALA A 29 -8.12 7.16 -19.53
CA ALA A 29 -7.17 6.92 -20.66
C ALA A 29 -5.76 6.66 -20.12
N GLY A 30 -5.72 5.82 -19.06
CA GLY A 30 -4.39 5.58 -18.43
C GLY A 30 -3.98 7.01 -18.03
N GLY A 31 -2.74 7.33 -18.24
CA GLY A 31 -2.19 8.64 -18.00
C GLY A 31 -2.14 8.95 -16.48
N ILE A 32 -1.89 10.20 -16.23
CA ILE A 32 -1.75 10.75 -14.88
C ILE A 32 -3.05 10.51 -14.10
N VAL A 33 -4.19 10.73 -14.72
CA VAL A 33 -5.47 10.52 -13.99
C VAL A 33 -5.58 9.07 -13.61
N GLY A 34 -5.20 8.17 -14.50
CA GLY A 34 -5.23 6.71 -14.26
C GLY A 34 -4.24 6.34 -13.14
N CYS A 35 -3.12 7.06 -13.09
CA CYS A 35 -2.11 6.79 -12.03
C CYS A 35 -2.79 7.12 -10.67
N ILE A 36 -3.47 8.26 -10.67
CA ILE A 36 -4.16 8.66 -9.40
C ILE A 36 -5.25 7.66 -9.04
N ALA A 37 -6.10 7.28 -9.99
CA ALA A 37 -7.17 6.30 -9.73
C ALA A 37 -6.60 4.98 -9.23
N ALA A 38 -5.51 4.50 -9.82
CA ALA A 38 -4.91 3.22 -9.38
C ALA A 38 -4.42 3.36 -7.91
N GLY A 39 -3.97 4.53 -7.59
CA GLY A 39 -3.43 4.84 -6.22
C GLY A 39 -4.60 4.84 -5.22
N ILE A 40 -5.68 5.44 -5.59
CA ILE A 40 -6.87 5.53 -4.70
C ILE A 40 -7.41 4.14 -4.49
N LEU A 41 -7.49 3.37 -5.58
CA LEU A 41 -7.99 2.01 -5.49
C LEU A 41 -7.19 1.17 -4.51
N ALA A 42 -5.87 1.26 -4.60
CA ALA A 42 -5.04 0.42 -3.72
C ALA A 42 -5.29 0.84 -2.23
N ILE A 43 -5.39 2.12 -2.04
CA ILE A 43 -5.62 2.64 -0.65
C ILE A 43 -6.97 2.15 -0.14
N LEU A 44 -8.01 2.28 -0.95
CA LEU A 44 -9.35 1.76 -0.54
C LEU A 44 -9.30 0.29 -0.22
N GLN A 45 -8.64 -0.52 -1.06
CA GLN A 45 -8.56 -1.95 -0.78
C GLN A 45 -7.82 -2.23 0.53
N GLY A 46 -6.77 -1.48 0.78
CA GLY A 46 -5.97 -1.64 1.99
C GLY A 46 -6.84 -1.37 3.24
N PHE A 47 -7.64 -0.34 3.20
CA PHE A 47 -8.53 0.05 4.31
C PHE A 47 -9.63 -0.95 4.58
N GLU A 48 -9.93 -1.87 3.68
CA GLU A 48 -10.99 -2.87 3.96
C GLU A 48 -10.77 -3.57 5.31
N VAL A 49 -9.54 -3.92 5.65
CA VAL A 49 -9.24 -4.58 6.92
C VAL A 49 -9.65 -3.67 8.11
N ASN A 50 -9.59 -2.38 7.95
CA ASN A 50 -9.90 -1.44 9.05
C ASN A 50 -11.40 -1.22 9.22
N TRP A 51 -12.17 -1.38 8.17
CA TRP A 51 -13.64 -1.24 8.40
C TRP A 51 -14.13 -2.62 8.87
N HIS A 52 -13.43 -3.67 8.46
CA HIS A 52 -13.81 -5.03 8.87
C HIS A 52 -13.53 -5.26 10.37
N ASN A 53 -12.44 -4.76 10.85
CA ASN A 53 -11.97 -5.00 12.24
C ASN A 53 -11.72 -3.76 13.08
N GLY A 54 -11.89 -2.58 12.54
CA GLY A 54 -11.67 -1.31 13.20
C GLY A 54 -10.25 -0.82 13.01
N GLY A 55 -9.99 0.40 13.46
CA GLY A 55 -8.64 0.94 13.41
C GLY A 55 -8.48 1.92 12.24
N GLY A 56 -7.39 2.63 12.37
CA GLY A 56 -7.06 3.69 11.39
C GLY A 56 -5.60 3.53 10.99
N GLY A 57 -5.13 4.52 10.26
CA GLY A 57 -3.69 4.45 9.84
C GLY A 57 -3.53 5.29 8.56
N ASP A 58 -2.30 5.31 8.15
CA ASP A 58 -1.82 6.09 6.98
C ASP A 58 -1.33 5.06 5.95
N ARG A 59 -1.97 5.12 4.80
CA ARG A 59 -1.64 4.14 3.72
C ARG A 59 -1.16 4.96 2.52
N SER A 60 -0.20 4.42 1.81
CA SER A 60 0.36 5.14 0.62
C SER A 60 0.35 4.25 -0.61
N ASN A 61 0.54 4.94 -1.75
CA ASN A 61 0.68 4.24 -3.03
C ASN A 61 1.44 5.19 -3.98
N PRO A 62 2.35 4.60 -4.73
CA PRO A 62 3.09 5.38 -5.75
C PRO A 62 2.07 5.94 -6.76
N VAL A 63 2.30 7.16 -7.23
CA VAL A 63 1.46 7.82 -8.23
C VAL A 63 2.37 8.49 -9.31
N GLY B 1 7.71 14.05 -11.96
CA GLY B 1 7.13 15.27 -11.36
C GLY B 1 7.51 15.28 -9.87
N GLU B 2 7.02 16.32 -9.19
CA GLU B 2 7.31 16.45 -7.75
C GLU B 2 6.49 15.43 -6.96
N ALA B 3 5.19 15.38 -7.12
CA ALA B 3 4.38 14.40 -6.37
C ALA B 3 4.68 12.99 -6.88
N THR B 4 5.04 12.08 -5.97
CA THR B 4 5.33 10.69 -6.29
C THR B 4 4.43 9.71 -5.52
N THR B 5 3.75 10.26 -4.53
CA THR B 5 2.92 9.37 -3.68
C THR B 5 1.60 10.01 -3.30
N ILE B 6 0.60 9.17 -3.16
CA ILE B 6 -0.72 9.61 -2.69
C ILE B 6 -0.85 8.91 -1.30
N TRP B 7 -1.43 9.64 -0.37
CA TRP B 7 -1.62 9.12 1.01
C TRP B 7 -3.09 9.18 1.38
N GLY B 8 -3.46 8.20 2.19
CA GLY B 8 -4.83 8.12 2.74
C GLY B 8 -4.61 8.00 4.29
N VAL B 9 -5.19 8.91 4.98
CA VAL B 9 -5.15 8.92 6.50
C VAL B 9 -6.61 8.62 6.87
N GLY B 10 -6.84 7.46 7.45
CA GLY B 10 -8.17 6.97 7.74
C GLY B 10 -8.47 6.58 9.18
N ALA B 11 -9.77 6.54 9.42
CA ALA B 11 -10.31 6.13 10.74
C ALA B 11 -11.67 5.49 10.46
N ASP B 12 -11.99 4.49 11.27
CA ASP B 12 -13.22 3.75 11.18
C ASP B 12 -14.39 4.50 11.83
N GLU B 13 -15.51 4.54 11.14
CA GLU B 13 -16.70 5.15 11.73
C GLU B 13 -17.54 4.03 12.36
N ALA B 14 -17.77 2.97 11.63
CA ALA B 14 -18.55 1.83 12.00
C ALA B 14 -17.93 0.56 11.44
N ILE B 15 -18.08 -0.52 12.18
CA ILE B 15 -17.62 -1.84 11.72
C ILE B 15 -18.63 -2.29 10.66
N ASP B 16 -18.09 -2.81 9.57
CA ASP B 16 -18.94 -3.32 8.46
C ASP B 16 -18.17 -4.52 7.96
N LYS B 17 -18.75 -5.71 8.06
CA LYS B 17 -18.06 -6.91 7.61
C LYS B 17 -18.12 -7.15 6.09
N GLY B 18 -18.86 -6.35 5.39
CA GLY B 18 -19.04 -6.44 3.93
C GLY B 18 -17.83 -5.89 3.21
N THR B 19 -17.80 -6.15 1.91
CA THR B 19 -16.70 -5.72 1.03
C THR B 19 -17.29 -5.31 -0.35
N PRO B 20 -16.93 -4.14 -0.78
CA PRO B 20 -17.36 -3.62 -2.09
C PRO B 20 -16.72 -4.51 -3.18
N SER B 21 -17.48 -4.69 -4.25
CA SER B 21 -16.97 -5.50 -5.40
C SER B 21 -15.91 -4.63 -6.10
N LYS B 22 -15.16 -5.29 -6.96
CA LYS B 22 -14.13 -4.57 -7.77
C LYS B 22 -14.80 -3.48 -8.59
N ASN B 23 -15.93 -3.75 -9.22
CA ASN B 23 -16.68 -2.77 -10.03
C ASN B 23 -16.99 -1.50 -9.20
N ASP B 24 -17.45 -1.72 -7.97
CA ASP B 24 -17.74 -0.56 -7.09
C ASP B 24 -16.47 0.20 -6.72
N LEU B 25 -15.43 -0.49 -6.35
CA LEU B 25 -14.15 0.17 -5.96
C LEU B 25 -13.60 0.96 -7.14
N GLN B 26 -13.71 0.35 -8.33
CA GLN B 26 -13.21 1.08 -9.53
C GLN B 26 -13.97 2.36 -9.77
N ASN B 27 -15.29 2.38 -9.63
CA ASN B 27 -16.13 3.53 -9.85
C ASN B 27 -15.77 4.62 -8.82
N MET B 28 -15.60 4.20 -7.58
CA MET B 28 -15.23 5.16 -6.50
C MET B 28 -13.92 5.85 -6.85
N SER B 29 -12.97 5.03 -7.22
CA SER B 29 -11.60 5.46 -7.56
C SER B 29 -11.56 6.39 -8.75
N ALA B 30 -12.20 5.97 -9.84
CA ALA B 30 -12.22 6.81 -11.05
C ALA B 30 -12.90 8.13 -10.81
N ASP B 31 -14.01 8.12 -10.06
CA ASP B 31 -14.72 9.39 -9.81
C ASP B 31 -13.85 10.41 -9.12
N LEU B 32 -13.22 10.02 -8.01
CA LEU B 32 -12.37 10.94 -7.26
C LEU B 32 -11.20 11.50 -8.07
N ALA B 33 -10.54 10.59 -8.77
CA ALA B 33 -9.36 10.92 -9.57
C ALA B 33 -9.70 11.91 -10.68
N LYS B 34 -10.70 11.54 -11.47
CA LYS B 34 -11.14 12.36 -12.61
C LYS B 34 -11.88 13.62 -12.25
N ASN B 35 -12.86 13.57 -11.37
CA ASN B 35 -13.69 14.73 -11.01
C ASN B 35 -13.24 15.48 -9.79
N GLY B 36 -12.44 14.87 -8.93
CA GLY B 36 -11.96 15.54 -7.71
C GLY B 36 -10.56 16.10 -7.94
N PHE B 37 -9.56 15.26 -8.06
CA PHE B 37 -8.19 15.67 -8.27
C PHE B 37 -7.97 16.37 -9.63
N LYS B 38 -8.62 15.84 -10.64
CA LYS B 38 -8.52 16.36 -12.02
C LYS B 38 -7.08 16.44 -12.48
N GLY B 39 -6.27 15.45 -12.16
CA GLY B 39 -4.87 15.39 -12.52
C GLY B 39 -4.02 16.41 -11.83
N HIS B 40 -4.50 16.95 -10.71
CA HIS B 40 -3.71 17.97 -9.98
C HIS B 40 -3.51 17.54 -8.52
N GLN B 41 -2.57 18.20 -7.89
CA GLN B 41 -2.24 17.98 -6.47
C GLN B 41 -3.43 18.49 -5.67
N GLY B 42 -3.64 17.97 -4.46
CA GLY B 42 -4.81 18.49 -3.68
C GLY B 42 -5.02 17.56 -2.46
N VAL B 43 -6.11 17.90 -1.78
CA VAL B 43 -6.58 17.20 -0.59
C VAL B 43 -8.09 17.02 -0.67
N ALA B 44 -8.51 15.78 -0.48
CA ALA B 44 -9.89 15.37 -0.48
C ALA B 44 -10.26 14.76 0.91
N CYS B 45 -11.45 15.06 1.32
CA CYS B 45 -12.08 14.54 2.56
C CYS B 45 -13.17 13.61 2.06
N SER B 46 -13.23 12.41 2.61
CA SER B 46 -14.23 11.44 2.11
C SER B 46 -14.73 10.47 3.14
N THR B 47 -15.84 9.86 2.83
CA THR B 47 -16.48 8.82 3.63
C THR B 47 -16.88 7.67 2.70
N VAL B 48 -16.42 6.49 3.04
CA VAL B 48 -16.84 5.28 2.32
C VAL B 48 -18.22 4.90 2.87
N LYS B 49 -19.23 4.73 2.02
CA LYS B 49 -20.55 4.36 2.53
C LYS B 49 -20.98 2.99 2.00
N ASP B 50 -21.78 2.28 2.75
CA ASP B 50 -22.35 0.96 2.41
C ASP B 50 -23.84 1.24 2.41
N GLY B 51 -24.37 1.61 1.24
CA GLY B 51 -25.79 2.03 1.20
C GLY B 51 -25.84 3.39 1.95
N ASN B 52 -26.80 3.46 2.88
CA ASN B 52 -26.98 4.68 3.67
C ASN B 52 -26.03 4.74 4.89
N LYS B 53 -25.36 3.68 5.21
CA LYS B 53 -24.44 3.57 6.34
C LYS B 53 -23.11 4.27 6.08
N ASP B 54 -22.68 5.08 7.02
CA ASP B 54 -21.38 5.79 6.94
C ASP B 54 -20.37 4.84 7.57
N VAL B 55 -19.39 4.34 6.83
CA VAL B 55 -18.45 3.36 7.35
C VAL B 55 -17.07 3.83 7.69
N TYR B 56 -16.41 4.52 6.80
CA TYR B 56 -14.98 4.86 6.99
C TYR B 56 -14.65 6.22 6.50
N MET B 57 -13.79 6.96 7.23
CA MET B 57 -13.42 8.32 6.80
C MET B 57 -11.99 8.32 6.31
N ILE B 58 -11.74 8.99 5.18
CA ILE B 58 -10.36 9.06 4.66
C ILE B 58 -10.05 10.44 4.11
N LYS B 59 -8.89 10.94 4.54
CA LYS B 59 -8.35 12.19 3.98
C LYS B 59 -7.34 11.68 2.91
N PHE B 60 -7.54 12.04 1.66
CA PHE B 60 -6.63 11.66 0.56
C PHE B 60 -5.75 12.90 0.26
N SER B 61 -4.48 12.71 0.34
CA SER B 61 -3.54 13.84 0.10
C SER B 61 -2.56 13.53 -1.03
N LEU B 62 -2.47 14.45 -1.98
CA LEU B 62 -1.53 14.31 -3.13
C LEU B 62 -0.71 15.63 -3.13
N ALA B 63 0.49 15.55 -2.64
CA ALA B 63 1.37 16.74 -2.53
C ALA B 63 2.79 16.42 -2.93
N GLY B 64 3.55 17.51 -3.12
CA GLY B 64 4.96 17.40 -3.50
C GLY B 64 5.67 16.51 -2.50
N GLY B 65 5.38 16.71 -1.22
CA GLY B 65 6.04 15.88 -0.20
C GLY B 65 5.73 14.41 -0.34
N SER B 66 6.77 13.60 -0.49
CA SER B 66 6.57 12.14 -0.59
C SER B 66 6.31 11.54 0.80
N ASN B 67 6.62 12.30 1.84
CA ASN B 67 6.47 11.90 3.24
C ASN B 67 5.02 11.93 3.70
N ASP B 68 4.74 11.09 4.67
CA ASP B 68 3.40 10.93 5.29
C ASP B 68 3.00 12.29 5.86
N PRO B 69 1.93 12.84 5.36
CA PRO B 69 1.46 14.15 5.82
C PRO B 69 0.92 14.10 7.25
N GLY B 70 0.60 12.90 7.69
CA GLY B 70 0.05 12.69 9.05
C GLY B 70 -1.26 13.50 9.11
N GLY B 71 -1.49 14.06 10.28
CA GLY B 71 -2.70 14.88 10.50
C GLY B 71 -3.84 13.92 10.83
N SER B 72 -5.02 14.48 10.78
CA SER B 72 -6.24 13.73 11.07
C SER B 72 -7.07 13.42 9.81
N PRO B 73 -7.73 12.30 9.87
CA PRO B 73 -8.69 11.97 8.79
C PRO B 73 -9.73 13.08 8.78
N CYS B 74 -10.36 13.27 7.63
CA CYS B 74 -11.46 14.25 7.46
C CYS B 74 -12.51 13.41 6.71
N SER B 75 -13.75 13.81 6.78
CA SER B 75 -14.84 13.04 6.21
C SER B 75 -15.77 13.85 5.38
N ASP B 76 -16.73 13.17 4.81
CA ASP B 76 -17.82 13.77 4.01
C ASP B 76 -19.02 12.85 4.16
N ASP B 77 -19.52 12.78 5.40
CA ASP B 77 -20.61 11.87 5.71
C ASP B 77 -21.94 12.03 4.99
N TRP C 1 6.94 -19.84 -7.61
CA TRP C 1 7.33 -18.52 -7.07
C TRP C 1 7.87 -18.68 -5.66
N SER C 2 8.91 -17.92 -5.36
CA SER C 2 9.51 -17.96 -4.01
C SER C 2 10.10 -16.59 -3.74
N LEU C 3 10.47 -16.36 -2.50
CA LEU C 3 11.11 -15.13 -2.07
C LEU C 3 12.45 -15.59 -1.46
N ARG C 4 13.52 -15.19 -2.09
CA ARG C 4 14.88 -15.51 -1.54
C ARG C 4 15.28 -14.25 -0.78
N TRP C 5 15.58 -14.38 0.53
CA TRP C 5 15.93 -13.18 1.30
C TRP C 5 17.11 -13.50 2.24
N ARG C 6 17.72 -12.44 2.65
CA ARG C 6 18.83 -12.37 3.61
C ARG C 6 18.64 -11.12 4.44
N MET C 7 18.94 -11.20 5.75
CA MET C 7 18.81 -10.00 6.59
C MET C 7 20.08 -9.17 6.41
N GLN C 8 19.93 -7.91 6.10
CA GLN C 8 21.07 -6.98 5.93
C GLN C 8 21.37 -6.41 7.33
N LYS C 9 20.30 -6.19 8.07
CA LYS C 9 20.39 -5.63 9.44
C LYS C 9 19.30 -6.33 10.27
N SER C 10 19.80 -7.00 11.27
CA SER C 10 18.95 -7.77 12.23
C SER C 10 19.09 -7.09 13.60
N THR C 11 17.98 -6.95 14.31
CA THR C 11 18.00 -6.31 15.64
C THR C 11 17.15 -7.13 16.61
N THR C 12 17.17 -6.66 17.87
CA THR C 12 16.32 -7.36 18.86
C THR C 12 15.25 -6.38 19.33
N ILE C 13 15.17 -5.22 18.67
CA ILE C 13 14.19 -4.18 18.98
C ILE C 13 12.79 -4.64 18.61
N ALA C 14 11.94 -4.83 19.60
CA ALA C 14 10.58 -5.28 19.35
C ALA C 14 9.55 -4.17 19.45
N ALA C 15 9.96 -2.93 19.44
CA ALA C 15 9.04 -1.79 19.52
C ALA C 15 8.34 -1.52 18.18
N ILE C 16 7.25 -2.21 18.00
CA ILE C 16 6.43 -2.17 16.79
C ILE C 16 4.95 -2.08 17.15
N ALA C 17 4.26 -1.14 16.56
CA ALA C 17 2.84 -0.93 16.80
C ALA C 17 2.03 -2.18 16.46
N GLY C 18 0.83 -2.21 17.05
CA GLY C 18 -0.09 -3.35 16.79
C GLY C 18 -0.81 -2.99 15.48
N CYS C 19 -1.65 -3.90 15.04
CA CYS C 19 -2.38 -3.67 13.77
C CYS C 19 -3.71 -4.43 13.81
N SER C 20 -4.48 -4.19 12.76
CA SER C 20 -5.77 -4.86 12.54
C SER C 20 -5.48 -5.98 11.52
N GLY C 21 -6.17 -7.07 11.67
CA GLY C 21 -6.04 -8.22 10.79
C GLY C 21 -4.63 -8.79 10.75
N ALA C 22 -4.02 -8.96 11.91
CA ALA C 22 -2.65 -9.58 11.95
C ALA C 22 -2.81 -10.95 11.31
N ALA C 23 -1.86 -11.36 10.50
CA ALA C 23 -1.94 -12.63 9.77
C ALA C 23 -1.92 -13.86 10.66
N THR C 24 -2.70 -14.83 10.26
CA THR C 24 -2.83 -16.14 10.89
C THR C 24 -2.57 -17.25 9.90
N PHE C 25 -2.08 -16.84 8.73
CA PHE C 25 -1.74 -17.81 7.67
C PHE C 25 -0.30 -18.27 7.90
N GLY C 26 0.07 -19.28 7.15
CA GLY C 26 1.39 -19.87 7.13
C GLY C 26 1.93 -20.26 8.48
N GLY C 27 1.04 -20.73 9.34
CA GLY C 27 1.42 -21.16 10.68
C GLY C 27 1.65 -20.02 11.63
N LEU C 28 1.23 -18.82 11.27
CA LEU C 28 1.41 -17.66 12.16
C LEU C 28 0.18 -17.63 13.09
N ALA C 29 0.37 -16.93 14.18
CA ALA C 29 -0.74 -16.82 15.15
C ALA C 29 -1.00 -15.38 15.52
N GLY C 30 -1.10 -14.50 14.54
CA GLY C 30 -1.36 -13.08 14.81
C GLY C 30 -0.15 -12.48 15.49
N GLY C 31 -0.40 -11.47 16.30
CA GLY C 31 0.69 -10.81 17.04
C GLY C 31 1.52 -9.93 16.09
N ILE C 32 2.60 -9.42 16.64
CA ILE C 32 3.55 -8.57 15.91
C ILE C 32 4.03 -9.27 14.63
N VAL C 33 4.37 -10.55 14.73
CA VAL C 33 4.84 -11.29 13.53
C VAL C 33 3.76 -11.30 12.47
N GLY C 34 2.54 -11.52 12.91
CA GLY C 34 1.36 -11.52 12.01
C GLY C 34 1.20 -10.15 11.35
N CYS C 35 1.40 -9.07 12.09
CA CYS C 35 1.31 -7.70 11.55
C CYS C 35 2.39 -7.51 10.48
N ILE C 36 3.60 -7.94 10.78
CA ILE C 36 4.72 -7.80 9.83
C ILE C 36 4.42 -8.61 8.56
N ALA C 37 3.94 -9.82 8.72
CA ALA C 37 3.60 -10.68 7.57
C ALA C 37 2.53 -10.04 6.69
N ALA C 38 1.51 -9.47 7.30
CA ALA C 38 0.42 -8.82 6.57
C ALA C 38 0.98 -7.65 5.74
N GLY C 39 1.91 -6.93 6.32
CA GLY C 39 2.56 -5.78 5.67
C GLY C 39 3.38 -6.25 4.46
N ILE C 40 4.16 -7.29 4.64
CA ILE C 40 5.00 -7.82 3.55
C ILE C 40 4.11 -8.28 2.41
N LEU C 41 3.06 -9.03 2.77
CA LEU C 41 2.12 -9.51 1.77
C LEU C 41 1.57 -8.38 0.90
N ALA C 42 1.11 -7.31 1.51
CA ALA C 42 0.51 -6.17 0.80
C ALA C 42 1.57 -5.52 -0.13
N ILE C 43 2.80 -5.51 0.31
CA ILE C 43 3.86 -4.88 -0.51
C ILE C 43 4.16 -5.78 -1.73
N LEU C 44 4.23 -7.08 -1.53
CA LEU C 44 4.47 -8.02 -2.63
C LEU C 44 3.33 -7.94 -3.65
N GLN C 45 2.10 -7.85 -3.17
CA GLN C 45 0.97 -7.78 -4.09
C GLN C 45 1.05 -6.44 -4.83
N GLY C 46 1.49 -5.40 -4.17
CA GLY C 46 1.58 -4.08 -4.80
C GLY C 46 2.56 -4.08 -5.97
N PHE C 47 3.70 -4.72 -5.77
CA PHE C 47 4.74 -4.77 -6.79
C PHE C 47 4.41 -5.65 -7.99
N GLU C 48 3.37 -6.41 -8.01
CA GLU C 48 3.00 -7.27 -9.15
C GLU C 48 2.96 -6.46 -10.46
N VAL C 49 2.37 -5.29 -10.38
CA VAL C 49 2.27 -4.37 -11.52
C VAL C 49 3.64 -4.01 -12.08
N ASN C 50 4.67 -3.90 -11.26
CA ASN C 50 6.03 -3.54 -11.66
C ASN C 50 6.80 -4.66 -12.32
N TRP C 51 6.53 -5.91 -12.03
CA TRP C 51 7.24 -7.01 -12.71
C TRP C 51 6.43 -7.34 -13.99
N HIS C 52 5.17 -6.97 -13.99
CA HIS C 52 4.33 -7.19 -15.19
C HIS C 52 4.68 -6.16 -16.28
N ASN C 53 4.91 -4.92 -15.89
CA ASN C 53 5.15 -3.81 -16.80
C ASN C 53 6.49 -3.11 -16.71
N GLY C 54 7.25 -3.36 -15.68
CA GLY C 54 8.56 -2.77 -15.40
C GLY C 54 8.42 -1.64 -14.36
N GLY C 55 9.58 -1.13 -13.94
CA GLY C 55 9.60 0.00 -13.00
C GLY C 55 9.75 -0.49 -11.56
N GLY C 56 9.74 0.51 -10.70
CA GLY C 56 9.91 0.23 -9.25
C GLY C 56 9.36 1.45 -8.53
N GLY C 57 9.71 1.46 -7.23
CA GLY C 57 9.24 2.55 -6.38
C GLY C 57 9.30 2.04 -4.92
N ASP C 58 8.78 2.91 -4.11
CA ASP C 58 8.73 2.68 -2.64
C ASP C 58 7.30 2.42 -2.24
N ARG C 59 7.03 1.28 -1.62
CA ARG C 59 5.65 0.97 -1.21
C ARG C 59 5.66 0.77 0.32
N SER C 60 4.55 1.11 0.93
CA SER C 60 4.51 0.97 2.42
C SER C 60 3.24 0.28 2.86
N ASN C 61 3.27 -0.10 4.15
CA ASN C 61 2.07 -0.69 4.76
C ASN C 61 2.19 -0.51 6.30
N PRO C 62 1.07 -0.15 6.90
CA PRO C 62 1.05 -0.03 8.37
C PRO C 62 1.39 -1.40 8.96
N VAL C 63 2.05 -1.41 10.11
CA VAL C 63 2.45 -2.67 10.80
C VAL C 63 2.31 -2.48 12.32
N GLY D 1 3.54 1.63 19.41
CA GLY D 1 4.89 1.08 19.14
C GLY D 1 5.64 2.18 18.40
N GLU D 2 6.94 2.00 18.30
CA GLU D 2 7.78 3.00 17.60
C GLU D 2 7.78 2.76 16.10
N ALA D 3 8.02 1.53 15.64
CA ALA D 3 7.93 1.29 14.17
C ALA D 3 6.43 1.12 13.88
N THR D 4 5.90 1.87 12.96
CA THR D 4 4.49 1.81 12.60
C THR D 4 4.25 1.46 11.12
N THR D 5 5.34 1.42 10.39
CA THR D 5 5.24 1.15 8.94
C THR D 5 6.37 0.27 8.42
N ILE D 6 6.05 -0.53 7.42
CA ILE D 6 7.12 -1.35 6.79
C ILE D 6 7.26 -0.77 5.36
N TRP D 7 8.47 -0.64 4.90
CA TRP D 7 8.72 -0.08 3.55
C TRP D 7 9.39 -1.15 2.68
N GLY D 8 9.05 -1.08 1.40
CA GLY D 8 9.69 -2.00 0.39
C GLY D 8 10.15 -1.01 -0.73
N VAL D 9 11.45 -1.02 -0.98
CA VAL D 9 12.08 -0.17 -2.04
C VAL D 9 12.39 -1.19 -3.15
N GLY D 10 11.68 -1.12 -4.27
CA GLY D 10 11.89 -2.18 -5.27
C GLY D 10 12.32 -1.72 -6.67
N ALA D 11 12.81 -2.72 -7.40
CA ALA D 11 13.16 -2.43 -8.83
C ALA D 11 12.98 -3.76 -9.54
N ASP D 12 12.60 -3.63 -10.83
CA ASP D 12 12.38 -4.80 -11.67
C ASP D 12 13.72 -5.34 -12.21
N GLU D 13 13.82 -6.65 -12.21
CA GLU D 13 15.01 -7.31 -12.77
C GLU D 13 14.61 -7.89 -14.15
N ALA D 14 13.44 -8.48 -14.23
CA ALA D 14 12.93 -9.07 -15.47
C ALA D 14 11.42 -8.89 -15.58
N ILE D 15 10.96 -8.80 -16.84
CA ILE D 15 9.49 -8.70 -17.05
C ILE D 15 8.99 -10.14 -16.92
N ASP D 16 7.91 -10.33 -16.20
CA ASP D 16 7.30 -11.65 -15.99
C ASP D 16 5.79 -11.38 -15.90
N LYS D 17 5.04 -11.93 -16.85
CA LYS D 17 3.60 -11.68 -16.86
C LYS D 17 2.83 -12.55 -15.88
N GLY D 18 3.54 -13.47 -15.26
CA GLY D 18 2.94 -14.43 -14.30
C GLY D 18 2.68 -13.76 -12.96
N THR D 19 1.86 -14.46 -12.16
CA THR D 19 1.53 -13.94 -10.81
C THR D 19 1.48 -15.08 -9.80
N PRO D 20 2.16 -14.91 -8.68
CA PRO D 20 2.16 -15.95 -7.64
C PRO D 20 0.74 -16.14 -7.10
N SER D 21 0.45 -17.35 -6.68
CA SER D 21 -0.87 -17.64 -6.08
C SER D 21 -0.90 -16.97 -4.69
N LYS D 22 -2.12 -16.91 -4.19
CA LYS D 22 -2.38 -16.35 -2.85
C LYS D 22 -1.58 -17.15 -1.83
N ASN D 23 -1.55 -18.46 -2.05
CA ASN D 23 -0.81 -19.37 -1.16
C ASN D 23 0.68 -19.07 -1.18
N ASP D 24 1.23 -18.87 -2.37
CA ASP D 24 2.65 -18.53 -2.53
C ASP D 24 3.00 -17.25 -1.77
N LEU D 25 2.18 -16.24 -1.95
CA LEU D 25 2.36 -14.94 -1.33
C LEU D 25 2.33 -15.05 0.20
N GLN D 26 1.38 -15.86 0.68
CA GLN D 26 1.29 -16.05 2.17
C GLN D 26 2.53 -16.73 2.70
N ASN D 27 2.98 -17.78 2.01
CA ASN D 27 4.18 -18.51 2.44
C ASN D 27 5.41 -17.64 2.37
N MET D 28 5.57 -16.82 1.34
CA MET D 28 6.73 -15.94 1.21
C MET D 28 6.74 -14.96 2.39
N SER D 29 5.60 -14.36 2.64
CA SER D 29 5.41 -13.35 3.68
C SER D 29 5.68 -13.92 5.08
N ALA D 30 5.05 -15.05 5.36
CA ALA D 30 5.21 -15.69 6.68
C ALA D 30 6.66 -16.05 6.95
N ASP D 31 7.35 -16.56 5.93
CA ASP D 31 8.76 -16.94 6.07
C ASP D 31 9.61 -15.77 6.49
N LEU D 32 9.53 -14.69 5.70
CA LEU D 32 10.35 -13.51 5.99
C LEU D 32 10.01 -12.92 7.38
N ALA D 33 8.73 -12.80 7.66
CA ALA D 33 8.28 -12.20 8.92
C ALA D 33 8.78 -12.99 10.13
N LYS D 34 8.55 -14.27 10.10
CA LYS D 34 8.89 -15.23 11.18
C LYS D 34 10.35 -15.57 11.29
N ASN D 35 10.98 -15.99 10.20
CA ASN D 35 12.38 -16.39 10.17
C ASN D 35 13.37 -15.29 9.91
N GLY D 36 12.95 -14.19 9.31
CA GLY D 36 13.86 -13.07 9.01
C GLY D 36 13.84 -12.00 10.08
N PHE D 37 12.74 -11.25 10.08
CA PHE D 37 12.50 -10.15 11.00
C PHE D 37 12.40 -10.70 12.44
N LYS D 38 11.77 -11.83 12.58
CA LYS D 38 11.57 -12.49 13.87
C LYS D 38 10.89 -11.56 14.88
N GLY D 39 9.94 -10.80 14.41
CA GLY D 39 9.21 -9.84 15.23
C GLY D 39 10.04 -8.66 15.66
N HIS D 40 11.15 -8.35 15.01
CA HIS D 40 11.95 -7.16 15.39
C HIS D 40 12.20 -6.27 14.18
N GLN D 41 12.70 -5.09 14.46
CA GLN D 41 13.06 -4.12 13.38
C GLN D 41 14.28 -4.73 12.67
N GLY D 42 14.48 -4.28 11.41
CA GLY D 42 15.64 -4.80 10.64
C GLY D 42 15.44 -4.41 9.16
N VAL D 43 16.37 -4.86 8.39
CA VAL D 43 16.40 -4.60 6.91
C VAL D 43 16.68 -5.94 6.25
N ALA D 44 15.87 -6.25 5.22
CA ALA D 44 16.08 -7.49 4.49
C ALA D 44 16.33 -7.10 3.00
N CYS D 45 17.15 -7.94 2.39
CA CYS D 45 17.43 -7.76 0.91
C CYS D 45 16.79 -8.98 0.30
N SER D 46 16.04 -8.88 -0.82
CA SER D 46 15.41 -10.09 -1.34
C SER D 46 15.13 -10.02 -2.85
N THR D 47 14.90 -11.21 -3.35
CA THR D 47 14.53 -11.32 -4.78
C THR D 47 13.33 -12.26 -4.92
N VAL D 48 12.32 -11.73 -5.62
CA VAL D 48 11.15 -12.55 -5.96
C VAL D 48 11.59 -13.40 -7.19
N LYS D 49 11.44 -14.70 -7.09
CA LYS D 49 11.82 -15.65 -8.12
C LYS D 49 10.65 -16.45 -8.65
N ASP D 50 10.72 -16.69 -9.94
CA ASP D 50 9.72 -17.50 -10.70
C ASP D 50 10.55 -18.67 -11.22
N GLY D 51 10.63 -19.74 -10.43
CA GLY D 51 11.49 -20.90 -10.82
C GLY D 51 12.92 -20.36 -10.59
N ASN D 52 13.78 -20.55 -11.57
CA ASN D 52 15.15 -20.02 -11.49
C ASN D 52 15.25 -18.58 -11.98
N LYS D 53 14.17 -17.99 -12.40
CA LYS D 53 14.18 -16.60 -12.90
C LYS D 53 14.17 -15.56 -11.78
N ASP D 54 15.15 -14.68 -11.84
CA ASP D 54 15.24 -13.52 -10.87
C ASP D 54 14.29 -12.48 -11.42
N VAL D 55 13.17 -12.23 -10.73
CA VAL D 55 12.21 -11.27 -11.24
C VAL D 55 12.23 -9.86 -10.73
N TYR D 56 12.15 -9.74 -9.39
CA TYR D 56 12.02 -8.41 -8.78
C TYR D 56 12.88 -8.31 -7.54
N MET D 57 13.54 -7.20 -7.32
CA MET D 57 14.38 -7.10 -6.11
C MET D 57 13.72 -6.08 -5.18
N ILE D 58 13.75 -6.44 -3.88
CA ILE D 58 13.15 -5.50 -2.91
C ILE D 58 13.95 -5.42 -1.59
N LYS D 59 14.22 -4.21 -1.17
CA LYS D 59 14.84 -4.00 0.16
C LYS D 59 13.61 -3.74 1.08
N PHE D 60 13.45 -4.56 2.10
CA PHE D 60 12.34 -4.42 3.08
C PHE D 60 12.95 -3.74 4.33
N SER D 61 12.38 -2.65 4.75
CA SER D 61 12.88 -1.87 5.89
C SER D 61 11.79 -1.66 6.94
N LEU D 62 12.11 -2.05 8.17
CA LEU D 62 11.18 -1.89 9.32
C LEU D 62 12.01 -1.14 10.39
N ALA D 63 11.74 0.13 10.55
CA ALA D 63 12.50 0.97 11.52
C ALA D 63 11.57 1.94 12.23
N GLY D 64 12.07 2.61 13.24
CA GLY D 64 11.29 3.58 14.03
C GLY D 64 10.84 4.71 13.11
N GLY D 65 11.78 5.07 12.23
CA GLY D 65 11.49 6.13 11.24
C GLY D 65 10.26 5.71 10.43
N SER D 66 9.21 6.51 10.57
CA SER D 66 7.96 6.27 9.84
C SER D 66 8.17 6.52 8.33
N ASN D 67 8.97 7.53 8.06
CA ASN D 67 9.31 8.00 6.73
C ASN D 67 10.02 6.94 5.87
N ASP D 68 9.89 7.18 4.58
CA ASP D 68 10.48 6.36 3.51
C ASP D 68 12.01 6.40 3.63
N PRO D 69 12.60 5.24 3.84
CA PRO D 69 14.05 5.14 3.95
C PRO D 69 14.74 5.52 2.64
N GLY D 70 14.05 5.42 1.53
CA GLY D 70 14.59 5.75 0.19
C GLY D 70 15.77 4.84 -0.10
N GLY D 71 16.76 5.38 -0.80
CA GLY D 71 17.95 4.57 -1.14
C GLY D 71 17.60 3.63 -2.28
N SER D 72 18.45 2.61 -2.43
CA SER D 72 18.27 1.64 -3.51
C SER D 72 17.75 0.31 -3.00
N PRO D 73 17.17 -0.44 -3.90
CA PRO D 73 16.73 -1.80 -3.52
C PRO D 73 17.98 -2.64 -3.38
N CYS D 74 17.86 -3.79 -2.74
CA CYS D 74 18.97 -4.75 -2.64
C CYS D 74 18.29 -6.10 -2.91
N SER D 75 19.11 -7.09 -3.17
CA SER D 75 18.60 -8.39 -3.57
C SER D 75 19.27 -9.60 -2.99
N ASP D 76 18.76 -10.75 -3.38
CA ASP D 76 19.29 -12.06 -3.01
C ASP D 76 18.94 -12.99 -4.19
N ASP D 77 19.66 -12.77 -5.29
CA ASP D 77 19.38 -13.49 -6.54
C ASP D 77 19.53 -15.02 -6.51
#